data_4KJY
#
_entry.id   4KJY
#
_cell.length_a   71.340
_cell.length_b   71.340
_cell.length_c   399.180
_cell.angle_alpha   90.00
_cell.angle_beta   90.00
_cell.angle_gamma   120.00
#
_symmetry.space_group_name_H-M   'P 65 2 2'
#
loop_
_entity.id
_entity.type
_entity.pdbx_description
1 polymer 'Leukocyte surface antigen CD47'
2 polymer 'High-affinity SIRPa variant FD6'
3 non-polymer 'SULFATE ION'
4 non-polymer 2-acetamido-2-deoxy-beta-D-glucopyranose
5 water water
#
loop_
_entity_poly.entity_id
_entity_poly.type
_entity_poly.pdbx_seq_one_letter_code
_entity_poly.pdbx_strand_id
1 'polypeptide(L)'
;(PCA)LLFNKTKSVEFTFGNDTVVIPCFVTNMEAQNTTEVYVKWKFKGRDIYTFDGALNKSTVPTDFSSAKIEVSQLLKG
DASLKMDKSDAVSHTGNYTCEVTELTREGETIIELKYRVVSTRHHHHHH
;
A,C
2 'polypeptide(L)'
;GPGSEEEVQIIQPDKSVSVAAGESAILHCTITSLFPVGPIQWFRGAGPARVLIYNQRQGPFPRVTTISETTRRENMDFSI
SISNITPADAGTYYCIKFRKGSPDTEFKSGAGTELSVRAKPSAAAHHHHHHHH
;
B,D
#
loop_
_chem_comp.id
_chem_comp.type
_chem_comp.name
_chem_comp.formula
NAG D-saccharide, beta linking 2-acetamido-2-deoxy-beta-D-glucopyranose 'C8 H15 N O6'
SO4 non-polymer 'SULFATE ION' 'O4 S -2'
#
# COMPACT_ATOMS: atom_id res chain seq x y z
N PCA A 1 -3.33 13.69 -6.51
CA PCA A 1 -3.20 12.69 -7.56
CB PCA A 1 -2.86 13.33 -8.91
CG PCA A 1 -2.44 14.76 -8.59
CD PCA A 1 -2.87 14.91 -7.15
OE PCA A 1 -2.84 16.01 -6.58
C PCA A 1 -2.10 11.70 -7.32
O PCA A 1 -1.12 11.99 -6.62
N LEU A 2 -2.25 10.51 -7.89
CA LEU A 2 -1.14 9.61 -8.06
C LEU A 2 -0.36 10.16 -9.26
N LEU A 3 0.97 10.12 -9.17
CA LEU A 3 1.84 10.62 -10.22
C LEU A 3 2.49 9.45 -10.95
N PHE A 4 2.82 9.64 -12.22
CA PHE A 4 3.28 8.55 -13.07
C PHE A 4 4.64 8.82 -13.70
N ASN A 5 5.38 7.73 -13.93
CA ASN A 5 6.57 7.76 -14.78
C ASN A 5 6.12 7.48 -16.21
N LYS A 6 5.93 8.55 -16.99
CA LYS A 6 5.18 8.47 -18.24
C LYS A 6 5.96 7.85 -19.40
N THR A 7 5.21 7.38 -20.38
CA THR A 7 5.77 6.79 -21.58
C THR A 7 4.86 7.14 -22.76
N LYS A 8 5.44 7.72 -23.81
CA LYS A 8 4.66 8.14 -24.97
C LYS A 8 4.03 6.96 -25.70
N SER A 9 4.84 5.93 -25.97
CA SER A 9 4.39 4.77 -26.73
C SER A 9 5.37 3.60 -26.65
N VAL A 10 4.86 2.40 -26.86
CA VAL A 10 5.69 1.20 -26.93
C VAL A 10 5.32 0.39 -28.16
N GLU A 11 6.23 -0.49 -28.58
CA GLU A 11 6.02 -1.27 -29.80
C GLU A 11 6.14 -2.78 -29.56
N PHE A 12 5.59 -3.55 -30.49
CA PHE A 12 5.66 -5.01 -30.45
C PHE A 12 5.38 -5.57 -31.82
N THR A 13 6.30 -6.37 -32.34
CA THR A 13 6.16 -6.96 -33.68
C THR A 13 5.44 -8.29 -33.63
N PHE A 14 5.46 -9.02 -34.74
CA PHE A 14 4.87 -10.35 -34.81
C PHE A 14 5.67 -11.34 -33.98
N GLY A 15 6.97 -11.07 -33.81
CA GLY A 15 7.84 -11.90 -33.01
C GLY A 15 7.56 -11.79 -31.53
N ASN A 16 6.97 -10.67 -31.12
CA ASN A 16 6.54 -10.49 -29.74
C ASN A 16 5.38 -11.39 -29.37
N ASP A 17 5.68 -12.46 -28.63
CA ASP A 17 4.65 -13.40 -28.19
C ASP A 17 3.65 -12.75 -27.24
N THR A 18 4.15 -11.95 -26.31
CA THR A 18 3.31 -11.23 -25.37
C THR A 18 3.66 -9.74 -25.35
N VAL A 19 2.66 -8.90 -25.09
CA VAL A 19 2.84 -7.45 -25.13
C VAL A 19 2.69 -6.83 -23.75
N VAL A 20 3.64 -5.98 -23.38
CA VAL A 20 3.61 -5.31 -22.09
C VAL A 20 3.49 -3.80 -22.25
N ILE A 21 2.47 -3.22 -21.63
CA ILE A 21 2.30 -1.77 -21.62
C ILE A 21 2.69 -1.23 -20.24
N PRO A 22 3.70 -0.36 -20.20
CA PRO A 22 4.26 0.17 -18.94
C PRO A 22 3.35 1.17 -18.23
N CYS A 23 3.16 0.93 -16.94
CA CYS A 23 2.48 1.89 -16.08
C CYS A 23 3.13 1.83 -14.71
N PHE A 24 3.68 2.97 -14.28
CA PHE A 24 4.41 3.03 -13.02
C PHE A 24 4.05 4.29 -12.24
N VAL A 25 3.44 4.10 -11.08
CA VAL A 25 3.13 5.21 -10.17
C VAL A 25 4.37 5.46 -9.33
N THR A 26 4.70 6.73 -9.11
CA THR A 26 5.92 7.09 -8.38
C THR A 26 5.66 7.52 -6.94
N ASN A 27 4.44 7.93 -6.64
CA ASN A 27 4.14 8.34 -5.26
C ASN A 27 3.13 7.42 -4.57
N MET A 28 3.13 6.16 -4.98
CA MET A 28 2.31 5.11 -4.38
C MET A 28 2.75 4.81 -2.93
N GLU A 29 1.77 4.77 -2.01
CA GLU A 29 2.04 4.43 -0.62
C GLU A 29 1.04 3.40 -0.08
N ALA A 30 0.56 2.52 -0.95
CA ALA A 30 -0.45 1.54 -0.58
C ALA A 30 0.06 0.53 0.44
N GLN A 31 -0.74 0.26 1.47
CA GLN A 31 -0.33 -0.64 2.56
C GLN A 31 -0.74 -2.09 2.29
N ASN A 32 -1.70 -2.25 1.39
CA ASN A 32 -2.29 -3.54 1.09
C ASN A 32 -2.99 -3.36 -0.25
N THR A 33 -3.08 -4.42 -1.05
CA THR A 33 -3.73 -4.33 -2.36
C THR A 33 -5.23 -3.99 -2.23
N THR A 34 -5.81 -4.24 -1.06
CA THR A 34 -7.20 -3.85 -0.81
C THR A 34 -7.45 -2.34 -0.97
N GLU A 35 -6.37 -1.56 -0.88
CA GLU A 35 -6.46 -0.09 -1.01
C GLU A 35 -6.42 0.37 -2.47
N VAL A 36 -6.19 -0.58 -3.39
CA VAL A 36 -5.84 -0.25 -4.77
C VAL A 36 -6.93 -0.67 -5.76
N TYR A 37 -7.15 0.18 -6.76
CA TYR A 37 -8.04 -0.17 -7.87
C TYR A 37 -7.31 0.20 -9.17
N VAL A 38 -7.39 -0.67 -10.16
CA VAL A 38 -6.71 -0.44 -11.43
C VAL A 38 -7.68 -0.59 -12.60
N LYS A 39 -7.69 0.41 -13.48
CA LYS A 39 -8.47 0.36 -14.72
C LYS A 39 -7.59 0.55 -15.95
N TRP A 40 -7.67 -0.40 -16.88
CA TRP A 40 -7.02 -0.24 -18.17
C TRP A 40 -8.08 0.02 -19.22
N LYS A 41 -8.12 1.25 -19.72
CA LYS A 41 -9.18 1.67 -20.61
C LYS A 41 -8.73 1.68 -22.07
N PHE A 42 -9.67 1.36 -22.96
CA PHE A 42 -9.39 1.33 -24.39
C PHE A 42 -10.64 1.63 -25.20
N LYS A 43 -10.62 2.75 -25.92
CA LYS A 43 -11.77 3.22 -26.71
C LYS A 43 -13.02 3.37 -25.85
N GLY A 44 -12.84 3.83 -24.61
CA GLY A 44 -13.96 4.08 -23.73
C GLY A 44 -14.23 2.98 -22.72
N ARG A 45 -14.23 1.73 -23.18
CA ARG A 45 -14.55 0.60 -22.32
C ARG A 45 -13.37 0.13 -21.45
N ASP A 46 -13.69 -0.49 -20.32
CA ASP A 46 -12.68 -1.03 -19.42
C ASP A 46 -12.32 -2.46 -19.82
N ILE A 47 -11.17 -2.61 -20.48
CA ILE A 47 -10.75 -3.94 -20.94
C ILE A 47 -10.14 -4.77 -19.81
N TYR A 48 -9.80 -4.11 -18.71
CA TYR A 48 -9.33 -4.82 -17.52
C TYR A 48 -9.49 -3.97 -16.26
N THR A 49 -10.17 -4.51 -15.28
CA THR A 49 -10.26 -3.88 -13.96
C THR A 49 -9.78 -4.82 -12.87
N PHE A 50 -8.90 -4.31 -12.02
CA PHE A 50 -8.52 -5.04 -10.82
C PHE A 50 -9.14 -4.37 -9.61
N ASP A 51 -9.94 -5.12 -8.87
CA ASP A 51 -10.57 -4.60 -7.66
C ASP A 51 -9.86 -5.21 -6.46
N GLY A 52 -9.06 -4.41 -5.77
CA GLY A 52 -8.28 -4.93 -4.66
C GLY A 52 -9.09 -5.27 -3.42
N ALA A 53 -10.15 -4.50 -3.17
CA ALA A 53 -11.03 -4.76 -2.02
C ALA A 53 -11.65 -6.14 -2.14
N LEU A 54 -12.00 -6.51 -3.37
CA LEU A 54 -12.64 -7.79 -3.64
C LEU A 54 -11.62 -8.82 -4.11
N ASN A 55 -10.40 -8.36 -4.42
CA ASN A 55 -9.34 -9.21 -4.92
C ASN A 55 -9.73 -9.95 -6.20
N LYS A 56 -10.36 -9.25 -7.13
CA LYS A 56 -10.86 -9.85 -8.35
C LYS A 56 -10.55 -9.05 -9.61
N SER A 57 -10.36 -9.76 -10.71
CA SER A 57 -10.09 -9.13 -12.01
C SER A 57 -11.25 -9.34 -12.98
N THR A 58 -11.62 -8.28 -13.69
CA THR A 58 -12.71 -8.36 -14.64
C THR A 58 -12.24 -8.02 -16.05
N VAL A 59 -12.52 -8.92 -17.00
CA VAL A 59 -12.20 -8.69 -18.40
C VAL A 59 -13.39 -9.05 -19.29
N PRO A 60 -13.51 -8.38 -20.45
CA PRO A 60 -14.54 -8.76 -21.42
C PRO A 60 -14.11 -9.98 -22.23
N THR A 61 -14.98 -10.49 -23.09
CA THR A 61 -14.72 -11.73 -23.84
C THR A 61 -13.59 -11.60 -24.86
N ASP A 62 -13.52 -10.46 -25.54
CA ASP A 62 -12.46 -10.21 -26.51
C ASP A 62 -11.08 -10.16 -25.86
N PHE A 63 -11.02 -9.65 -24.63
CA PHE A 63 -9.74 -9.51 -23.93
C PHE A 63 -9.48 -10.62 -22.93
N SER A 64 -9.71 -11.86 -23.35
CA SER A 64 -9.60 -13.03 -22.47
C SER A 64 -8.23 -13.20 -21.80
N SER A 65 -7.19 -12.57 -22.35
CA SER A 65 -5.82 -12.79 -21.89
C SER A 65 -5.29 -11.71 -20.95
N ALA A 66 -5.84 -10.51 -21.07
CA ALA A 66 -5.35 -9.34 -20.35
C ALA A 66 -5.29 -9.52 -18.83
N LYS A 67 -4.12 -9.24 -18.25
CA LYS A 67 -3.93 -9.31 -16.80
C LYS A 67 -2.71 -8.50 -16.37
N ILE A 68 -2.58 -8.25 -15.08
CA ILE A 68 -1.42 -7.55 -14.54
C ILE A 68 -0.73 -8.38 -13.47
N GLU A 69 0.52 -8.03 -13.17
CA GLU A 69 1.28 -8.72 -12.14
C GLU A 69 0.95 -8.10 -10.78
N VAL A 70 -0.01 -8.71 -10.09
CA VAL A 70 -0.50 -8.17 -8.82
C VAL A 70 0.61 -8.02 -7.78
N SER A 71 1.64 -8.85 -7.90
CA SER A 71 2.78 -8.81 -6.99
C SER A 71 3.50 -7.47 -7.06
N GLN A 72 3.35 -6.77 -8.19
CA GLN A 72 4.08 -5.54 -8.42
C GLN A 72 3.29 -4.28 -8.04
N LEU A 73 2.00 -4.45 -7.77
CA LEU A 73 1.11 -3.33 -7.48
C LEU A 73 1.58 -2.42 -6.33
N LEU A 74 2.01 -3.01 -5.23
CA LEU A 74 2.43 -2.22 -4.08
C LEU A 74 3.72 -1.45 -4.36
N LYS A 75 4.46 -1.90 -5.36
CA LYS A 75 5.67 -1.21 -5.80
C LYS A 75 5.29 -0.02 -6.68
N GLY A 76 4.08 -0.03 -7.21
CA GLY A 76 3.62 1.03 -8.08
C GLY A 76 3.61 0.61 -9.54
N ASP A 77 3.72 -0.69 -9.77
CA ASP A 77 3.73 -1.21 -11.14
C ASP A 77 2.40 -1.87 -11.49
N ALA A 78 1.66 -1.23 -12.40
CA ALA A 78 0.38 -1.74 -12.86
C ALA A 78 0.43 -1.97 -14.35
N SER A 79 1.56 -2.45 -14.84
CA SER A 79 1.74 -2.74 -16.25
C SER A 79 0.78 -3.82 -16.71
N LEU A 80 0.32 -3.70 -17.96
CA LEU A 80 -0.65 -4.64 -18.50
C LEU A 80 0.02 -5.69 -19.36
N LYS A 81 -0.42 -6.95 -19.21
CA LYS A 81 0.13 -8.06 -19.98
C LYS A 81 -0.96 -8.80 -20.76
N MET A 82 -0.69 -9.05 -22.04
CA MET A 82 -1.62 -9.78 -22.90
C MET A 82 -0.84 -10.50 -24.01
N ASP A 83 -1.49 -11.44 -24.68
CA ASP A 83 -0.84 -12.16 -25.77
C ASP A 83 -0.95 -11.44 -27.10
N LYS A 84 -0.46 -12.08 -28.17
CA LYS A 84 -0.43 -11.47 -29.49
C LYS A 84 -1.83 -11.32 -30.09
N SER A 85 -2.68 -12.32 -29.86
CA SER A 85 -4.02 -12.34 -30.42
C SER A 85 -4.86 -11.16 -29.96
N ASP A 86 -4.81 -10.87 -28.67
CA ASP A 86 -5.54 -9.74 -28.10
C ASP A 86 -4.91 -8.41 -28.48
N ALA A 87 -3.59 -8.43 -28.67
CA ALA A 87 -2.85 -7.21 -29.01
C ALA A 87 -3.21 -6.70 -30.40
N VAL A 88 -3.20 -7.60 -31.38
CA VAL A 88 -3.41 -7.21 -32.77
C VAL A 88 -4.83 -6.68 -33.03
N SER A 89 -5.82 -7.28 -32.36
CA SER A 89 -7.21 -6.88 -32.54
C SER A 89 -7.55 -5.59 -31.78
N HIS A 90 -6.62 -5.15 -30.94
CA HIS A 90 -6.83 -3.94 -30.14
C HIS A 90 -5.57 -3.08 -30.10
N THR A 91 -5.29 -2.39 -31.20
CA THR A 91 -4.12 -1.53 -31.30
C THR A 91 -4.53 -0.06 -31.23
N GLY A 92 -3.90 0.70 -30.32
CA GLY A 92 -4.19 2.10 -30.16
C GLY A 92 -3.75 2.65 -28.81
N ASN A 93 -4.25 3.85 -28.48
CA ASN A 93 -3.94 4.48 -27.20
C ASN A 93 -4.58 3.74 -26.03
N TYR A 94 -3.80 3.53 -24.97
CA TYR A 94 -4.28 2.88 -23.76
C TYR A 94 -4.20 3.84 -22.58
N THR A 95 -5.21 3.78 -21.72
CA THR A 95 -5.20 4.60 -20.50
C THR A 95 -5.06 3.72 -19.27
N CYS A 96 -4.02 3.98 -18.48
CA CYS A 96 -3.80 3.26 -17.24
C CYS A 96 -4.29 4.08 -16.06
N GLU A 97 -5.41 3.65 -15.47
CA GLU A 97 -5.98 4.33 -14.31
C GLU A 97 -5.67 3.58 -13.01
N VAL A 98 -5.09 4.28 -12.03
CA VAL A 98 -4.83 3.69 -10.72
C VAL A 98 -5.46 4.55 -9.62
N THR A 99 -6.06 3.88 -8.64
CA THR A 99 -6.62 4.57 -7.48
C THR A 99 -6.06 3.95 -6.20
N GLU A 100 -5.64 4.78 -5.25
CA GLU A 100 -5.21 4.31 -3.94
C GLU A 100 -5.96 5.07 -2.86
N LEU A 101 -6.83 4.37 -2.13
CA LEU A 101 -7.76 5.05 -1.22
C LEU A 101 -8.50 6.13 -2.02
N THR A 102 -8.25 7.39 -1.72
CA THR A 102 -8.95 8.48 -2.40
C THR A 102 -8.11 9.12 -3.52
N ARG A 103 -6.80 8.94 -3.47
CA ARG A 103 -5.91 9.43 -4.54
C ARG A 103 -6.08 8.65 -5.83
N GLU A 104 -6.11 9.36 -6.95
CA GLU A 104 -6.24 8.73 -8.25
C GLU A 104 -5.41 9.45 -9.28
N GLY A 105 -5.16 8.77 -10.39
CA GLY A 105 -4.46 9.38 -11.51
C GLY A 105 -4.49 8.44 -12.69
N GLU A 106 -4.13 8.96 -13.87
CA GLU A 106 -4.03 8.12 -15.05
C GLU A 106 -2.92 8.63 -15.96
N THR A 107 -2.49 7.79 -16.89
CA THR A 107 -1.52 8.19 -17.91
C THR A 107 -1.76 7.39 -19.18
N ILE A 108 -1.35 7.95 -20.32
CA ILE A 108 -1.68 7.35 -21.60
C ILE A 108 -0.45 6.78 -22.30
N ILE A 109 -0.58 5.55 -22.80
CA ILE A 109 0.47 4.93 -23.59
C ILE A 109 -0.13 4.40 -24.89
N GLU A 110 0.47 4.76 -26.02
CA GLU A 110 -0.02 4.27 -27.31
C GLU A 110 0.68 2.98 -27.71
N LEU A 111 -0.12 1.96 -28.03
CA LEU A 111 0.42 0.70 -28.53
C LEU A 111 0.55 0.76 -30.04
N LYS A 112 1.75 0.48 -30.54
CA LYS A 112 2.03 0.48 -31.97
C LYS A 112 2.43 -0.91 -32.47
N TYR A 113 1.78 -1.37 -33.53
CA TYR A 113 2.10 -2.65 -34.15
C TYR A 113 2.85 -2.45 -35.45
N ARG A 114 4.12 -2.10 -35.36
CA ARG A 114 4.95 -1.86 -36.54
C ARG A 114 5.18 -3.14 -37.34
N GLU B 5 -12.96 3.10 12.18
CA GLU B 5 -13.47 3.00 10.82
C GLU B 5 -14.97 3.27 10.75
N GLU B 6 -15.32 4.52 10.41
CA GLU B 6 -16.70 4.96 10.36
C GLU B 6 -16.97 5.59 8.99
N GLU B 7 -18.25 5.64 8.58
CA GLU B 7 -18.62 6.16 7.27
C GLU B 7 -18.15 7.60 7.06
N VAL B 8 -17.52 7.85 5.93
CA VAL B 8 -17.00 9.17 5.60
C VAL B 8 -18.10 10.22 5.60
N GLN B 9 -17.81 11.38 6.16
CA GLN B 9 -18.67 12.55 6.01
C GLN B 9 -18.01 13.57 5.10
N ILE B 10 -18.82 14.21 4.26
CA ILE B 10 -18.33 15.25 3.37
C ILE B 10 -18.81 16.60 3.83
N ILE B 11 -17.87 17.49 4.12
CA ILE B 11 -18.22 18.77 4.71
C ILE B 11 -17.89 19.97 3.82
N GLN B 12 -18.93 20.60 3.28
CA GLN B 12 -18.76 21.89 2.64
C GLN B 12 -19.33 22.93 3.59
N PRO B 13 -18.46 23.63 4.31
CA PRO B 13 -18.87 24.54 5.39
C PRO B 13 -19.67 25.74 4.90
N ASP B 14 -19.36 26.25 3.70
CA ASP B 14 -20.06 27.42 3.18
C ASP B 14 -21.31 27.03 2.40
N LYS B 15 -22.47 27.43 2.91
CA LYS B 15 -23.74 27.18 2.21
C LYS B 15 -23.79 28.01 0.93
N SER B 16 -23.12 29.15 0.93
CA SER B 16 -23.08 30.03 -0.24
C SER B 16 -21.85 30.93 -0.23
N VAL B 17 -21.37 31.26 -1.43
CA VAL B 17 -20.25 32.18 -1.61
C VAL B 17 -20.62 33.18 -2.70
N SER B 18 -20.17 34.42 -2.56
CA SER B 18 -20.42 35.45 -3.57
C SER B 18 -19.09 36.07 -3.98
N VAL B 19 -19.00 36.51 -5.23
CA VAL B 19 -17.78 37.12 -5.73
C VAL B 19 -18.03 37.96 -7.00
N ALA B 20 -17.26 39.04 -7.14
CA ALA B 20 -17.34 39.88 -8.33
C ALA B 20 -16.73 39.17 -9.52
N ALA B 21 -17.24 39.46 -10.71
CA ALA B 21 -16.74 38.84 -11.94
C ALA B 21 -15.27 39.14 -12.17
N GLY B 22 -14.57 38.19 -12.79
CA GLY B 22 -13.15 38.33 -13.04
C GLY B 22 -12.30 37.95 -11.84
N GLU B 23 -12.94 37.79 -10.69
CA GLU B 23 -12.24 37.44 -9.45
C GLU B 23 -12.28 35.94 -9.19
N SER B 24 -11.64 35.53 -8.10
CA SER B 24 -11.55 34.12 -7.74
C SER B 24 -12.52 33.73 -6.63
N ALA B 25 -12.83 32.44 -6.55
CA ALA B 25 -13.71 31.93 -5.51
C ALA B 25 -13.16 30.64 -4.93
N ILE B 26 -13.16 30.54 -3.60
CA ILE B 26 -12.71 29.33 -2.93
C ILE B 26 -13.93 28.46 -2.63
N LEU B 27 -13.86 27.20 -3.01
CA LEU B 27 -14.94 26.26 -2.69
C LEU B 27 -14.42 25.19 -1.73
N HIS B 28 -14.84 25.28 -0.47
CA HIS B 28 -14.31 24.40 0.57
C HIS B 28 -14.99 23.04 0.63
N CYS B 29 -14.19 22.01 0.81
CA CYS B 29 -14.69 20.67 1.07
C CYS B 29 -13.64 19.89 1.83
N THR B 30 -14.06 19.20 2.88
CA THR B 30 -13.20 18.26 3.58
C THR B 30 -13.97 16.99 3.85
N ILE B 31 -13.24 15.88 3.93
CA ILE B 31 -13.86 14.60 4.24
C ILE B 31 -13.27 14.03 5.53
N THR B 32 -14.01 13.16 6.19
CA THR B 32 -13.60 12.62 7.49
C THR B 32 -12.83 11.31 7.37
N SER B 33 -12.86 10.68 6.19
CA SER B 33 -12.19 9.39 6.04
C SER B 33 -11.73 9.25 4.60
N LEU B 34 -10.77 8.36 4.39
CA LEU B 34 -10.25 8.15 3.04
C LEU B 34 -10.85 6.89 2.43
N PHE B 35 -11.77 6.27 3.17
CA PHE B 35 -12.42 5.03 2.74
C PHE B 35 -13.86 5.35 2.33
N PRO B 36 -14.45 4.52 1.45
CA PRO B 36 -13.89 3.38 0.73
C PRO B 36 -13.02 3.84 -0.45
N VAL B 37 -12.41 2.90 -1.15
CA VAL B 37 -11.58 3.23 -2.30
C VAL B 37 -12.39 3.93 -3.37
N GLY B 38 -11.95 5.12 -3.77
CA GLY B 38 -12.59 5.87 -4.83
C GLY B 38 -12.37 7.36 -4.67
N PRO B 39 -12.50 8.12 -5.77
CA PRO B 39 -12.08 9.51 -5.82
C PRO B 39 -13.14 10.51 -5.36
N ILE B 40 -12.67 11.72 -5.11
CA ILE B 40 -13.51 12.87 -4.89
C ILE B 40 -13.57 13.63 -6.22
N GLN B 41 -14.77 14.08 -6.60
CA GLN B 41 -14.93 14.96 -7.76
C GLN B 41 -15.80 16.15 -7.41
N TRP B 42 -15.54 17.29 -8.04
CA TRP B 42 -16.40 18.45 -7.90
C TRP B 42 -17.30 18.55 -9.14
N PHE B 43 -18.59 18.77 -8.93
CA PHE B 43 -19.53 19.03 -10.02
C PHE B 43 -20.27 20.34 -9.80
N ARG B 44 -20.70 20.97 -10.87
CA ARG B 44 -21.62 22.08 -10.76
C ARG B 44 -23.01 21.63 -11.22
N GLY B 45 -24.01 21.85 -10.36
CA GLY B 45 -25.34 21.37 -10.63
C GLY B 45 -25.49 19.93 -10.19
N ALA B 46 -26.73 19.45 -10.17
CA ALA B 46 -27.02 18.05 -9.90
C ALA B 46 -27.78 17.45 -11.07
N GLY B 47 -27.86 16.13 -11.10
CA GLY B 47 -28.59 15.46 -12.16
C GLY B 47 -27.71 15.10 -13.34
N PRO B 48 -28.33 14.53 -14.38
CA PRO B 48 -27.63 13.97 -15.55
C PRO B 48 -26.87 15.00 -16.39
N ALA B 49 -27.21 16.28 -16.30
CA ALA B 49 -26.49 17.32 -17.03
C ALA B 49 -25.45 18.10 -16.22
N ARG B 50 -25.19 17.66 -14.98
CA ARG B 50 -24.24 18.38 -14.14
C ARG B 50 -22.87 18.40 -14.80
N VAL B 51 -22.08 19.42 -14.49
CA VAL B 51 -20.81 19.63 -15.16
C VAL B 51 -19.63 19.28 -14.23
N LEU B 52 -18.70 18.47 -14.73
CA LEU B 52 -17.49 18.11 -13.98
C LEU B 52 -16.60 19.33 -13.88
N ILE B 53 -16.27 19.73 -12.66
CA ILE B 53 -15.44 20.90 -12.40
C ILE B 53 -13.99 20.53 -12.10
N TYR B 54 -13.81 19.41 -11.42
CA TYR B 54 -12.46 18.97 -11.03
C TYR B 54 -12.44 17.54 -10.54
N ASN B 55 -11.39 16.82 -10.95
CA ASN B 55 -10.92 15.65 -10.23
C ASN B 55 -9.41 15.57 -10.38
N GLN B 56 -8.80 14.60 -9.72
CA GLN B 56 -7.35 14.45 -9.71
C GLN B 56 -6.84 13.79 -10.96
N ARG B 57 -7.69 13.01 -11.61
CA ARG B 57 -7.28 12.13 -12.71
C ARG B 57 -7.27 12.77 -14.10
N GLN B 58 -8.28 13.60 -14.40
CA GLN B 58 -8.51 14.05 -15.76
C GLN B 58 -8.05 15.49 -16.01
N GLY B 59 -7.14 15.97 -15.19
CA GLY B 59 -6.61 17.32 -15.37
C GLY B 59 -5.54 17.45 -16.44
N PRO B 60 -4.93 18.63 -16.53
CA PRO B 60 -5.24 19.80 -15.70
C PRO B 60 -6.59 20.43 -16.06
N PHE B 61 -7.25 20.97 -15.07
CA PHE B 61 -8.48 21.72 -15.25
C PHE B 61 -8.13 23.19 -15.10
N PRO B 62 -8.04 23.91 -16.23
CA PRO B 62 -7.70 25.33 -16.20
C PRO B 62 -8.66 26.13 -15.32
N ARG B 63 -8.14 27.16 -14.65
CA ARG B 63 -8.88 28.00 -13.70
C ARG B 63 -9.07 27.35 -12.32
N VAL B 64 -8.73 26.07 -12.20
CA VAL B 64 -8.93 25.36 -10.94
C VAL B 64 -7.62 24.99 -10.26
N THR B 65 -7.44 25.48 -9.04
CA THR B 65 -6.23 25.20 -8.27
C THR B 65 -6.64 24.56 -6.95
N THR B 66 -5.90 23.52 -6.56
CA THR B 66 -6.20 22.84 -5.29
C THR B 66 -5.64 23.65 -4.12
N ILE B 67 -6.41 23.75 -3.04
CA ILE B 67 -5.98 24.54 -1.88
C ILE B 67 -4.88 23.84 -1.07
N SER B 68 -4.95 22.52 -1.05
CA SER B 68 -4.03 21.71 -0.24
C SER B 68 -3.16 20.84 -1.12
N GLU B 69 -2.28 20.07 -0.48
CA GLU B 69 -1.35 19.19 -1.16
C GLU B 69 -1.99 17.83 -1.44
N THR B 70 -2.73 17.75 -2.54
CA THR B 70 -3.59 16.62 -2.84
C THR B 70 -2.85 15.42 -3.39
N THR B 71 -1.53 15.53 -3.51
CA THR B 71 -0.71 14.40 -3.92
C THR B 71 -0.30 13.58 -2.69
N ARG B 72 -0.73 14.01 -1.51
CA ARG B 72 -0.37 13.31 -0.29
C ARG B 72 -1.46 12.35 0.14
N ARG B 73 -1.07 11.12 0.44
CA ARG B 73 -2.00 10.07 0.83
C ARG B 73 -2.96 10.51 1.93
N GLU B 74 -2.45 11.24 2.91
CA GLU B 74 -3.26 11.57 4.09
C GLU B 74 -4.07 12.83 3.92
N ASN B 75 -3.97 13.48 2.77
CA ASN B 75 -4.80 14.65 2.51
C ASN B 75 -6.31 14.36 2.55
N MET B 76 -7.04 15.19 3.28
CA MET B 76 -8.51 15.10 3.34
C MET B 76 -9.17 16.44 3.02
N ASP B 77 -8.36 17.42 2.63
CA ASP B 77 -8.87 18.69 2.17
C ASP B 77 -8.96 18.69 0.64
N PHE B 78 -10.18 18.77 0.12
CA PHE B 78 -10.39 18.81 -1.33
C PHE B 78 -10.94 20.15 -1.80
N SER B 79 -10.61 21.20 -1.04
CA SER B 79 -11.03 22.56 -1.38
C SER B 79 -10.31 23.02 -2.64
N ILE B 80 -11.02 23.77 -3.49
CA ILE B 80 -10.43 24.30 -4.71
C ILE B 80 -10.69 25.80 -4.86
N SER B 81 -9.82 26.45 -5.62
CA SER B 81 -9.98 27.85 -5.99
C SER B 81 -10.24 27.97 -7.48
N ILE B 82 -11.32 28.67 -7.85
CA ILE B 82 -11.62 28.91 -9.26
C ILE B 82 -11.39 30.37 -9.64
N SER B 83 -10.50 30.60 -10.60
CA SER B 83 -10.14 31.95 -11.01
C SER B 83 -10.99 32.49 -12.16
N ASN B 84 -11.05 33.81 -12.26
CA ASN B 84 -11.77 34.50 -13.35
C ASN B 84 -13.23 34.07 -13.48
N ILE B 85 -13.98 34.22 -12.39
CA ILE B 85 -15.38 33.82 -12.33
C ILE B 85 -16.26 34.61 -13.31
N THR B 86 -17.14 33.90 -14.01
CA THR B 86 -18.08 34.51 -14.93
C THR B 86 -19.50 34.12 -14.51
N PRO B 87 -20.52 34.83 -15.02
CA PRO B 87 -21.91 34.43 -14.73
C PRO B 87 -22.21 32.98 -15.08
N ALA B 88 -21.46 32.39 -16.01
CA ALA B 88 -21.63 30.98 -16.34
C ALA B 88 -21.23 30.06 -15.18
N ASP B 89 -20.41 30.59 -14.27
CA ASP B 89 -19.92 29.82 -13.12
C ASP B 89 -20.95 29.74 -11.99
N ALA B 90 -22.05 30.46 -12.13
CA ALA B 90 -23.10 30.45 -11.10
C ALA B 90 -23.78 29.08 -11.04
N GLY B 91 -24.09 28.65 -9.81
CA GLY B 91 -24.82 27.42 -9.57
C GLY B 91 -24.31 26.79 -8.28
N THR B 92 -24.80 25.60 -7.98
CA THR B 92 -24.41 24.89 -6.78
C THR B 92 -23.30 23.88 -7.05
N TYR B 93 -22.22 23.96 -6.28
CA TYR B 93 -21.06 23.09 -6.47
C TYR B 93 -21.03 21.96 -5.45
N TYR B 94 -20.96 20.73 -5.95
CA TYR B 94 -21.01 19.58 -5.07
C TYR B 94 -19.68 18.82 -5.05
N CYS B 95 -19.11 18.69 -3.86
CA CYS B 95 -17.96 17.85 -3.62
C CYS B 95 -18.48 16.45 -3.37
N ILE B 96 -18.12 15.50 -4.23
CA ILE B 96 -18.75 14.19 -4.22
C ILE B 96 -17.77 13.02 -4.17
N LYS B 97 -18.00 12.10 -3.25
CA LYS B 97 -17.20 10.89 -3.11
C LYS B 97 -17.77 9.75 -3.94
N PHE B 98 -16.89 9.07 -4.67
CA PHE B 98 -17.29 7.96 -5.53
C PHE B 98 -16.66 6.65 -5.09
N ARG B 99 -17.34 5.54 -5.36
CA ARG B 99 -16.78 4.21 -5.18
C ARG B 99 -16.29 3.71 -6.53
N LYS B 100 -15.18 2.96 -6.54
CA LYS B 100 -14.68 2.40 -7.79
C LYS B 100 -15.56 1.26 -8.32
N GLY B 101 -15.62 1.15 -9.64
CA GLY B 101 -16.38 0.10 -10.32
C GLY B 101 -16.45 0.37 -11.80
N SER B 102 -17.19 -0.45 -12.54
CA SER B 102 -17.41 -0.20 -13.97
C SER B 102 -18.89 0.03 -14.28
N PRO B 103 -19.34 1.29 -14.21
CA PRO B 103 -18.51 2.46 -13.92
C PRO B 103 -18.44 2.75 -12.41
N ASP B 104 -17.69 3.77 -12.04
CA ASP B 104 -17.69 4.26 -10.67
C ASP B 104 -19.09 4.73 -10.30
N THR B 105 -19.50 4.46 -9.07
CA THR B 105 -20.80 4.91 -8.59
C THR B 105 -20.64 5.99 -7.54
N GLU B 106 -21.58 6.94 -7.50
CA GLU B 106 -21.57 7.99 -6.49
C GLU B 106 -21.92 7.42 -5.12
N PHE B 107 -21.05 7.66 -4.14
CA PHE B 107 -21.21 7.09 -2.81
C PHE B 107 -21.88 8.08 -1.88
N LYS B 108 -21.42 9.32 -1.90
CA LYS B 108 -21.99 10.37 -1.06
C LYS B 108 -21.60 11.76 -1.57
N SER B 109 -22.55 12.69 -1.50
CA SER B 109 -22.34 14.06 -1.94
C SER B 109 -22.35 15.03 -0.76
N GLY B 110 -21.53 16.07 -0.84
CA GLY B 110 -21.57 17.16 0.11
C GLY B 110 -22.88 17.95 -0.04
N ALA B 111 -23.15 18.82 0.93
CA ALA B 111 -24.39 19.57 0.98
C ALA B 111 -24.58 20.47 -0.25
N GLY B 112 -23.49 21.08 -0.67
CA GLY B 112 -23.52 21.98 -1.81
C GLY B 112 -23.13 23.39 -1.42
N THR B 113 -22.46 24.09 -2.33
CA THR B 113 -22.07 25.48 -2.08
C THR B 113 -22.55 26.36 -3.22
N GLU B 114 -23.48 27.26 -2.92
CA GLU B 114 -24.08 28.13 -3.92
C GLU B 114 -23.18 29.31 -4.25
N LEU B 115 -22.66 29.34 -5.47
CA LEU B 115 -21.87 30.47 -5.94
C LEU B 115 -22.74 31.46 -6.74
N SER B 116 -22.50 32.75 -6.55
CA SER B 116 -23.16 33.78 -7.35
C SER B 116 -22.16 34.89 -7.71
N VAL B 117 -22.42 35.59 -8.81
CA VAL B 117 -21.48 36.55 -9.36
C VAL B 117 -21.99 38.00 -9.33
N ARG B 118 -21.13 38.92 -8.92
CA ARG B 118 -21.49 40.33 -8.85
C ARG B 118 -20.93 41.10 -10.05
N PCA C 1 17.29 -7.31 13.22
CA PCA C 1 16.60 -8.37 12.51
CB PCA C 1 16.60 -8.13 11.00
CG PCA C 1 17.52 -6.95 10.75
CD PCA C 1 17.82 -6.48 12.15
OE PCA C 1 18.48 -5.46 12.36
C PCA C 1 17.19 -9.75 12.79
O PCA C 1 18.32 -9.85 13.26
N LEU C 2 16.41 -10.78 12.53
CA LEU C 2 16.93 -12.14 12.43
C LEU C 2 17.46 -12.31 11.00
N LEU C 3 18.60 -12.98 10.83
CA LEU C 3 19.16 -13.18 9.50
C LEU C 3 19.02 -14.65 9.08
N PHE C 4 19.16 -14.94 7.79
CA PHE C 4 18.79 -16.25 7.25
C PHE C 4 19.81 -16.87 6.27
N ASN C 5 19.97 -18.20 6.31
CA ASN C 5 20.61 -18.94 5.22
C ASN C 5 19.67 -18.90 4.02
N LYS C 6 20.08 -18.24 2.94
CA LYS C 6 19.14 -18.04 1.84
C LYS C 6 19.16 -19.16 0.81
N THR C 7 17.97 -19.67 0.50
CA THR C 7 17.81 -20.64 -0.57
C THR C 7 16.82 -20.07 -1.57
N LYS C 8 17.25 -19.96 -2.82
CA LYS C 8 16.44 -19.34 -3.86
C LYS C 8 15.20 -20.14 -4.19
N SER C 9 15.38 -21.44 -4.36
CA SER C 9 14.28 -22.33 -4.69
C SER C 9 14.58 -23.77 -4.29
N VAL C 10 13.58 -24.62 -4.40
CA VAL C 10 13.71 -26.04 -4.07
C VAL C 10 12.72 -26.81 -4.94
N GLU C 11 13.10 -28.00 -5.39
CA GLU C 11 12.31 -28.71 -6.38
C GLU C 11 11.74 -30.02 -5.86
N PHE C 12 10.62 -30.43 -6.45
CA PHE C 12 10.03 -31.73 -6.11
C PHE C 12 9.27 -32.35 -7.27
N THR C 13 9.31 -33.67 -7.36
CA THR C 13 8.61 -34.42 -8.41
C THR C 13 7.45 -35.20 -7.81
N PHE C 14 6.81 -36.03 -8.63
CA PHE C 14 5.73 -36.89 -8.16
C PHE C 14 6.29 -38.03 -7.31
N GLY C 15 7.61 -38.23 -7.38
CA GLY C 15 8.29 -39.23 -6.57
C GLY C 15 8.39 -38.77 -5.14
N ASN C 16 8.52 -37.45 -4.99
CA ASN C 16 8.45 -36.79 -3.69
C ASN C 16 7.11 -36.99 -3.03
N ASP C 17 7.07 -37.80 -1.97
CA ASP C 17 5.84 -37.96 -1.22
C ASP C 17 5.63 -36.75 -0.31
N THR C 18 6.67 -36.39 0.43
CA THR C 18 6.60 -35.24 1.33
C THR C 18 7.67 -34.21 0.94
N VAL C 19 7.28 -32.94 0.89
CA VAL C 19 8.22 -31.90 0.47
C VAL C 19 8.73 -31.09 1.65
N VAL C 20 9.90 -30.50 1.48
CA VAL C 20 10.51 -29.70 2.54
C VAL C 20 11.01 -28.36 2.02
N ILE C 21 10.43 -27.28 2.54
CA ILE C 21 10.95 -25.94 2.25
C ILE C 21 11.89 -25.51 3.37
N PRO C 22 13.19 -25.39 3.08
CA PRO C 22 14.17 -25.07 4.12
C PRO C 22 14.01 -23.64 4.64
N CYS C 23 14.29 -23.48 5.92
CA CYS C 23 14.38 -22.15 6.51
C CYS C 23 15.33 -22.25 7.68
N PHE C 24 16.38 -21.42 7.64
CA PHE C 24 17.42 -21.45 8.66
C PHE C 24 17.83 -20.05 9.09
N VAL C 25 17.73 -19.78 10.37
CA VAL C 25 18.13 -18.51 10.96
C VAL C 25 19.59 -18.61 11.37
N THR C 26 20.41 -17.61 11.01
CA THR C 26 21.85 -17.68 11.24
C THR C 26 22.33 -16.80 12.39
N ASN C 27 21.41 -16.16 13.11
CA ASN C 27 21.78 -15.40 14.30
C ASN C 27 20.82 -15.60 15.47
N MET C 28 20.24 -16.79 15.54
CA MET C 28 19.35 -17.12 16.65
C MET C 28 20.07 -17.20 17.99
N GLU C 29 19.46 -16.65 19.02
CA GLU C 29 20.00 -16.72 20.37
C GLU C 29 18.94 -17.20 21.36
N ALA C 30 17.91 -17.83 20.84
CA ALA C 30 16.80 -18.28 21.67
C ALA C 30 17.25 -19.46 22.53
N GLN C 31 16.82 -19.47 23.79
CA GLN C 31 17.13 -20.61 24.65
C GLN C 31 15.87 -21.26 25.22
N ASN C 32 14.72 -20.87 24.67
CA ASN C 32 13.44 -21.47 25.01
C ASN C 32 12.46 -21.13 23.89
N THR C 33 11.68 -22.12 23.46
CA THR C 33 10.82 -21.95 22.29
C THR C 33 9.69 -20.97 22.58
N THR C 34 9.42 -20.73 23.86
CA THR C 34 8.40 -19.75 24.22
C THR C 34 8.79 -18.36 23.72
N GLU C 35 10.07 -18.16 23.41
CA GLU C 35 10.54 -16.88 22.88
C GLU C 35 10.29 -16.71 21.37
N VAL C 36 9.95 -17.80 20.70
CA VAL C 36 9.96 -17.84 19.24
C VAL C 36 8.56 -17.94 18.63
N TYR C 37 8.37 -17.27 17.49
CA TYR C 37 7.15 -17.39 16.70
C TYR C 37 7.59 -17.62 15.27
N VAL C 38 6.91 -18.54 14.58
CA VAL C 38 7.20 -18.83 13.19
C VAL C 38 5.95 -18.63 12.34
N LYS C 39 6.07 -17.88 11.25
CA LYS C 39 4.97 -17.72 10.30
CA LYS C 39 4.97 -17.73 10.32
C LYS C 39 5.42 -18.07 8.89
N TRP C 40 4.68 -18.96 8.25
CA TRP C 40 4.92 -19.25 6.83
C TRP C 40 3.79 -18.67 6.03
N LYS C 41 4.13 -17.83 5.07
CA LYS C 41 3.13 -17.16 4.26
C LYS C 41 3.20 -17.65 2.81
N PHE C 42 2.05 -17.58 2.14
CA PHE C 42 1.94 -17.96 0.74
C PHE C 42 0.78 -17.19 0.11
N LYS C 43 1.08 -16.45 -0.95
CA LYS C 43 0.11 -15.60 -1.62
C LYS C 43 -0.65 -14.71 -0.65
N GLY C 44 0.07 -14.21 0.36
CA GLY C 44 -0.49 -13.23 1.28
C GLY C 44 -1.24 -13.82 2.46
N ARG C 45 -1.25 -15.14 2.57
CA ARG C 45 -1.95 -15.80 3.67
C ARG C 45 -0.98 -16.52 4.59
N ASP C 46 -1.31 -16.60 5.88
CA ASP C 46 -0.53 -17.37 6.83
C ASP C 46 -0.91 -18.84 6.71
N ILE C 47 -0.08 -19.63 6.06
CA ILE C 47 -0.43 -21.01 5.80
C ILE C 47 0.10 -21.98 6.87
N TYR C 48 0.86 -21.42 7.81
CA TYR C 48 1.34 -22.14 8.98
C TYR C 48 1.89 -21.16 10.00
N THR C 49 1.46 -21.28 11.25
CA THR C 49 2.12 -20.53 12.31
C THR C 49 2.48 -21.46 13.46
N PHE C 50 3.60 -21.19 14.12
CA PHE C 50 3.91 -21.82 15.38
C PHE C 50 4.08 -20.74 16.43
N ASP C 51 3.28 -20.83 17.48
CA ASP C 51 3.30 -19.87 18.58
C ASP C 51 4.05 -20.50 19.72
N GLY C 52 5.29 -20.06 19.94
CA GLY C 52 6.11 -20.66 20.98
C GLY C 52 5.50 -20.51 22.37
N ALA C 53 4.91 -19.35 22.64
CA ALA C 53 4.36 -19.09 23.96
C ALA C 53 3.22 -20.03 24.28
N LEU C 54 2.36 -20.28 23.29
CA LEU C 54 1.19 -21.14 23.49
C LEU C 54 1.54 -22.58 23.14
N ASN C 55 2.70 -22.75 22.51
CA ASN C 55 3.21 -24.06 22.14
C ASN C 55 2.27 -24.81 21.22
N LYS C 56 1.78 -24.10 20.20
CA LYS C 56 0.76 -24.64 19.33
C LYS C 56 0.96 -24.20 17.88
N SER C 57 0.67 -25.12 16.95
CA SER C 57 0.70 -24.84 15.52
C SER C 57 -0.69 -24.64 14.94
N THR C 58 -0.79 -23.74 13.96
CA THR C 58 -2.07 -23.45 13.30
C THR C 58 -1.93 -23.47 11.78
N VAL C 59 -2.87 -24.14 11.11
CA VAL C 59 -2.92 -24.15 9.66
C VAL C 59 -4.35 -23.93 9.15
N PRO C 60 -4.49 -23.37 7.94
CA PRO C 60 -5.77 -23.37 7.25
C PRO C 60 -6.04 -24.75 6.69
N THR C 61 -7.29 -25.01 6.29
CA THR C 61 -7.68 -26.36 5.88
C THR C 61 -7.09 -26.84 4.55
N ASP C 62 -6.67 -25.92 3.68
CA ASP C 62 -6.01 -26.32 2.44
C ASP C 62 -4.54 -26.68 2.64
N PHE C 63 -4.07 -26.53 3.87
CA PHE C 63 -2.70 -26.91 4.23
C PHE C 63 -2.68 -27.80 5.45
N SER C 64 -3.61 -28.76 5.48
CA SER C 64 -3.88 -29.52 6.71
C SER C 64 -2.70 -30.37 7.15
N SER C 65 -1.75 -30.63 6.24
CA SER C 65 -0.63 -31.50 6.53
C SER C 65 0.61 -30.71 6.96
N ALA C 66 0.61 -29.40 6.75
CA ALA C 66 1.80 -28.59 6.97
C ALA C 66 2.20 -28.54 8.44
N LYS C 67 3.51 -28.63 8.69
CA LYS C 67 4.08 -28.63 10.03
C LYS C 67 5.57 -28.29 9.98
N ILE C 68 6.14 -27.87 11.12
CA ILE C 68 7.59 -27.82 11.28
C ILE C 68 7.99 -28.80 12.38
N GLU C 69 9.29 -29.07 12.49
CA GLU C 69 9.80 -29.89 13.59
C GLU C 69 10.33 -28.99 14.68
N VAL C 70 9.51 -28.79 15.71
CA VAL C 70 9.85 -27.88 16.80
C VAL C 70 11.18 -28.22 17.50
N SER C 71 11.58 -29.48 17.49
CA SER C 71 12.82 -29.89 18.17
C SER C 71 14.04 -29.35 17.46
N GLN C 72 13.85 -28.79 16.27
CA GLN C 72 14.95 -28.23 15.48
C GLN C 72 14.95 -26.71 15.57
N LEU C 73 13.90 -26.15 16.17
CA LEU C 73 13.68 -24.71 16.12
C LEU C 73 14.77 -23.90 16.83
N LEU C 74 15.20 -24.36 18.01
CA LEU C 74 16.24 -23.65 18.76
C LEU C 74 17.59 -23.75 18.07
N LYS C 75 17.69 -24.65 17.10
CA LYS C 75 18.92 -24.77 16.29
C LYS C 75 18.84 -23.79 15.11
N GLY C 76 17.70 -23.13 14.96
CA GLY C 76 17.52 -22.15 13.91
C GLY C 76 16.86 -22.72 12.68
N ASP C 77 16.46 -23.98 12.76
CA ASP C 77 15.78 -24.67 11.65
C ASP C 77 14.28 -24.46 11.79
N ALA C 78 13.69 -23.73 10.84
CA ALA C 78 12.24 -23.49 10.85
C ALA C 78 11.57 -24.06 9.60
N SER C 79 12.20 -25.08 9.01
CA SER C 79 11.79 -25.64 7.74
C SER C 79 10.36 -26.20 7.75
N LEU C 80 9.64 -26.02 6.65
CA LEU C 80 8.26 -26.46 6.57
C LEU C 80 8.20 -27.84 5.92
N LYS C 81 7.29 -28.68 6.38
CA LYS C 81 7.14 -30.01 5.79
C LYS C 81 5.67 -30.27 5.48
N MET C 82 5.39 -30.69 4.24
CA MET C 82 4.02 -31.01 3.85
C MET C 82 4.03 -32.15 2.84
N ASP C 83 2.91 -32.87 2.75
CA ASP C 83 2.82 -33.96 1.77
C ASP C 83 2.59 -33.44 0.36
N LYS C 84 2.64 -34.33 -0.62
CA LYS C 84 2.54 -33.97 -2.03
C LYS C 84 1.22 -33.29 -2.36
N SER C 85 0.13 -33.78 -1.76
CA SER C 85 -1.20 -33.24 -1.99
C SER C 85 -1.26 -31.73 -1.82
N ASP C 86 -0.80 -31.24 -0.67
CA ASP C 86 -0.82 -29.81 -0.37
C ASP C 86 0.23 -29.06 -1.20
N ALA C 87 1.30 -29.75 -1.56
CA ALA C 87 2.41 -29.13 -2.29
C ALA C 87 2.06 -28.79 -3.74
N VAL C 88 1.49 -29.76 -4.46
CA VAL C 88 1.18 -29.58 -5.88
C VAL C 88 0.18 -28.44 -6.12
N SER C 89 -0.84 -28.34 -5.27
CA SER C 89 -1.85 -27.29 -5.42
C SER C 89 -1.39 -25.94 -4.87
N HIS C 90 -0.16 -25.87 -4.36
CA HIS C 90 0.38 -24.64 -3.81
C HIS C 90 1.86 -24.45 -4.16
N THR C 91 2.16 -24.34 -5.44
CA THR C 91 3.53 -24.10 -5.87
C THR C 91 3.77 -22.62 -6.05
N GLY C 92 4.98 -22.16 -5.75
CA GLY C 92 5.30 -20.76 -5.87
C GLY C 92 6.16 -20.24 -4.73
N ASN C 93 6.11 -18.93 -4.52
CA ASN C 93 6.93 -18.26 -3.50
C ASN C 93 6.43 -18.42 -2.06
N TYR C 94 7.26 -19.00 -1.20
CA TYR C 94 6.97 -19.07 0.23
C TYR C 94 7.84 -18.10 1.03
N THR C 95 7.23 -17.49 2.05
CA THR C 95 7.94 -16.60 2.96
C THR C 95 7.96 -17.23 4.35
N CYS C 96 9.18 -17.45 4.85
CA CYS C 96 9.40 -17.95 6.19
C CYS C 96 9.70 -16.76 7.09
N GLU C 97 8.81 -16.47 8.02
CA GLU C 97 9.00 -15.34 8.93
C GLU C 97 9.25 -15.89 10.32
N VAL C 98 10.31 -15.41 10.98
CA VAL C 98 10.65 -15.88 12.32
C VAL C 98 10.81 -14.68 13.25
N THR C 99 10.28 -14.81 14.48
CA THR C 99 10.39 -13.78 15.50
C THR C 99 11.02 -14.41 16.75
N GLU C 100 11.97 -13.72 17.36
CA GLU C 100 12.51 -14.15 18.65
C GLU C 100 12.48 -12.96 19.60
N LEU C 101 11.65 -13.05 20.64
CA LEU C 101 11.35 -11.91 21.48
C LEU C 101 10.92 -10.74 20.59
N THR C 102 11.78 -9.72 20.46
CA THR C 102 11.44 -8.53 19.66
C THR C 102 12.11 -8.49 18.28
N ARG C 103 13.18 -9.24 18.10
CA ARG C 103 13.79 -9.38 16.78
C ARG C 103 12.91 -10.18 15.83
N GLU C 104 12.88 -9.76 14.56
CA GLU C 104 12.13 -10.47 13.53
C GLU C 104 12.88 -10.48 12.20
N GLY C 105 12.44 -11.31 11.26
CA GLY C 105 12.99 -11.34 9.93
C GLY C 105 12.27 -12.38 9.09
N GLU C 106 12.47 -12.34 7.78
CA GLU C 106 11.86 -13.29 6.87
C GLU C 106 12.75 -13.58 5.67
N THR C 107 12.51 -14.72 5.02
CA THR C 107 13.23 -15.10 3.80
C THR C 107 12.25 -15.75 2.83
N ILE C 108 12.54 -15.66 1.53
CA ILE C 108 11.66 -16.19 0.50
C ILE C 108 12.27 -17.41 -0.19
N ILE C 109 11.44 -18.40 -0.49
CA ILE C 109 11.85 -19.60 -1.18
C ILE C 109 10.78 -19.96 -2.20
N GLU C 110 11.17 -20.18 -3.45
CA GLU C 110 10.19 -20.61 -4.44
C GLU C 110 10.12 -22.12 -4.51
N LEU C 111 8.91 -22.67 -4.38
CA LEU C 111 8.70 -24.09 -4.54
C LEU C 111 8.27 -24.41 -5.98
N LYS C 112 9.07 -25.25 -6.66
CA LYS C 112 8.79 -25.60 -8.05
C LYS C 112 8.43 -27.09 -8.21
N TYR C 113 7.39 -27.35 -8.98
CA TYR C 113 6.99 -28.72 -9.32
C TYR C 113 7.42 -29.09 -10.74
N ARG C 114 8.68 -29.47 -10.90
CA ARG C 114 9.21 -29.83 -12.21
C ARG C 114 9.22 -31.35 -12.40
N GLU D 6 6.45 -3.91 35.22
CA GLU D 6 7.13 -4.92 34.41
C GLU D 6 6.70 -4.85 32.95
N GLU D 7 5.43 -4.53 32.70
CA GLU D 7 4.94 -4.44 31.33
C GLU D 7 5.75 -3.42 30.53
N VAL D 8 5.97 -3.72 29.25
CA VAL D 8 6.80 -2.88 28.39
C VAL D 8 6.29 -1.44 28.31
N GLN D 9 7.22 -0.49 28.41
CA GLN D 9 6.91 0.90 28.14
C GLN D 9 7.67 1.36 26.91
N ILE D 10 7.00 2.18 26.09
CA ILE D 10 7.58 2.71 24.86
C ILE D 10 7.84 4.18 25.01
N ILE D 11 9.12 4.53 24.97
CA ILE D 11 9.51 5.90 25.22
C ILE D 11 9.93 6.58 23.93
N GLN D 12 9.17 7.59 23.55
CA GLN D 12 9.55 8.50 22.48
C GLN D 12 9.82 9.85 23.15
N PRO D 13 11.10 10.10 23.48
CA PRO D 13 11.47 11.29 24.25
C PRO D 13 11.16 12.61 23.53
N ASP D 14 11.32 12.63 22.22
CA ASP D 14 11.04 13.83 21.43
C ASP D 14 9.55 13.91 21.05
N LYS D 15 8.91 15.00 21.43
CA LYS D 15 7.49 15.16 21.13
C LYS D 15 7.30 15.84 19.78
N SER D 16 8.17 16.81 19.49
CA SER D 16 8.15 17.49 18.21
C SER D 16 9.57 17.67 17.69
N VAL D 17 9.75 17.44 16.40
CA VAL D 17 11.05 17.59 15.76
C VAL D 17 10.92 18.39 14.47
N SER D 18 11.85 19.33 14.24
CA SER D 18 11.82 20.14 13.05
C SER D 18 13.06 19.86 12.20
N VAL D 19 12.86 19.70 10.90
CA VAL D 19 13.96 19.31 10.01
C VAL D 19 13.89 20.03 8.68
N ALA D 20 15.02 20.59 8.27
CA ALA D 20 15.16 21.19 6.96
C ALA D 20 15.07 20.12 5.87
N ALA D 21 14.30 20.43 4.83
CA ALA D 21 14.18 19.54 3.68
C ALA D 21 15.56 19.18 3.13
N GLY D 22 15.74 17.91 2.79
CA GLY D 22 17.02 17.43 2.29
C GLY D 22 17.90 16.78 3.34
N GLU D 23 17.67 17.13 4.60
CA GLU D 23 18.45 16.57 5.70
C GLU D 23 17.84 15.27 6.23
N SER D 24 18.48 14.69 7.23
CA SER D 24 18.00 13.49 7.88
C SER D 24 17.21 13.82 9.14
N ALA D 25 16.15 13.06 9.39
CA ALA D 25 15.36 13.19 10.61
C ALA D 25 15.63 11.99 11.51
N ILE D 26 15.81 12.24 12.80
CA ILE D 26 16.01 11.15 13.76
C ILE D 26 14.82 10.99 14.69
N LEU D 27 14.22 9.81 14.66
CA LEU D 27 13.05 9.54 15.47
C LEU D 27 13.39 8.56 16.58
N HIS D 28 13.46 9.06 17.81
CA HIS D 28 13.89 8.24 18.94
C HIS D 28 12.76 7.41 19.53
N CYS D 29 13.09 6.16 19.79
CA CYS D 29 12.21 5.29 20.52
C CYS D 29 13.05 4.23 21.23
N THR D 30 12.75 4.03 22.51
CA THR D 30 13.36 2.94 23.25
C THR D 30 12.28 2.22 24.02
N ILE D 31 12.47 0.93 24.27
CA ILE D 31 11.50 0.19 25.06
C ILE D 31 12.14 -0.36 26.33
N THR D 32 11.32 -0.81 27.27
CA THR D 32 11.82 -1.22 28.58
C THR D 32 11.81 -2.74 28.80
N SER D 33 11.20 -3.46 27.88
CA SER D 33 11.17 -4.91 27.96
C SER D 33 11.13 -5.47 26.56
N LEU D 34 11.63 -6.70 26.39
CA LEU D 34 11.54 -7.35 25.09
C LEU D 34 10.28 -8.19 24.96
N PHE D 35 9.51 -8.30 26.04
CA PHE D 35 8.27 -9.08 26.05
C PHE D 35 7.07 -8.14 25.90
N PRO D 36 5.95 -8.67 25.38
CA PRO D 36 5.72 -10.04 24.88
C PRO D 36 6.39 -10.26 23.51
N VAL D 37 6.34 -11.48 22.99
CA VAL D 37 6.96 -11.79 21.70
C VAL D 37 6.28 -11.02 20.56
N GLY D 38 7.06 -10.28 19.78
CA GLY D 38 6.50 -9.50 18.68
C GLY D 38 7.35 -8.28 18.38
N PRO D 39 7.24 -7.76 17.14
CA PRO D 39 8.11 -6.72 16.59
C PRO D 39 7.73 -5.30 17.00
N ILE D 40 8.71 -4.41 16.90
CA ILE D 40 8.47 -2.99 16.94
C ILE D 40 8.30 -2.51 15.50
N GLN D 41 7.30 -1.67 15.25
CA GLN D 41 7.12 -1.07 13.93
C GLN D 41 6.89 0.44 14.07
N TRP D 42 7.39 1.19 13.10
CA TRP D 42 7.20 2.64 13.06
C TRP D 42 6.11 2.98 12.03
N PHE D 43 5.21 3.88 12.38
CA PHE D 43 4.15 4.30 11.45
C PHE D 43 4.10 5.81 11.40
N ARG D 44 3.75 6.34 10.24
CA ARG D 44 3.45 7.76 10.09
C ARG D 44 1.95 7.91 10.11
N GLY D 45 1.43 8.65 11.08
CA GLY D 45 0.01 8.76 11.26
C GLY D 45 -0.58 7.65 12.14
N ALA D 46 -1.79 7.88 12.59
CA ALA D 46 -2.51 6.87 13.35
C ALA D 46 -3.83 6.63 12.63
N GLY D 47 -4.51 5.55 12.96
CA GLY D 47 -5.76 5.26 12.26
C GLY D 47 -5.57 4.45 10.99
N PRO D 48 -6.68 4.19 10.27
CA PRO D 48 -6.70 3.16 9.24
C PRO D 48 -5.84 3.49 8.01
N ALA D 49 -5.63 4.77 7.73
CA ALA D 49 -4.80 5.18 6.60
C ALA D 49 -3.30 5.32 6.93
N ARG D 50 -2.89 4.93 8.13
CA ARG D 50 -1.49 5.11 8.54
C ARG D 50 -0.53 4.34 7.65
N VAL D 51 0.71 4.82 7.58
CA VAL D 51 1.70 4.30 6.64
C VAL D 51 2.86 3.63 7.41
N LEU D 52 3.18 2.39 7.05
CA LEU D 52 4.35 1.68 7.58
C LEU D 52 5.65 2.33 7.11
N ILE D 53 6.45 2.77 8.07
CA ILE D 53 7.69 3.48 7.80
C ILE D 53 8.91 2.56 7.92
N TYR D 54 8.86 1.67 8.90
CA TYR D 54 9.97 0.74 9.13
C TYR D 54 9.58 -0.44 10.01
N ASN D 55 10.02 -1.62 9.60
CA ASN D 55 10.17 -2.78 10.50
C ASN D 55 11.40 -3.60 10.08
N GLN D 56 11.78 -4.57 10.90
CA GLN D 56 12.99 -5.36 10.62
C GLN D 56 12.75 -6.41 9.56
N ARG D 57 11.50 -6.79 9.41
CA ARG D 57 11.12 -7.92 8.58
C ARG D 57 11.12 -7.55 7.10
N GLN D 58 10.51 -6.41 6.77
CA GLN D 58 10.20 -6.11 5.38
C GLN D 58 11.17 -5.13 4.75
N GLY D 59 10.96 -4.87 3.46
CA GLY D 59 11.74 -3.87 2.75
C GLY D 59 12.72 -4.44 1.75
N PRO D 60 13.98 -3.98 1.79
CA PRO D 60 14.51 -3.00 2.76
C PRO D 60 13.95 -1.58 2.51
N PHE D 61 13.94 -0.75 3.54
CA PHE D 61 13.33 0.58 3.43
C PHE D 61 14.40 1.61 3.06
N PRO D 62 14.34 2.09 1.82
CA PRO D 62 15.37 2.86 1.12
C PRO D 62 16.04 3.95 1.96
N ARG D 63 15.23 4.82 2.58
CA ARG D 63 15.79 6.00 3.22
C ARG D 63 15.94 5.84 4.73
N VAL D 64 15.56 4.67 5.24
CA VAL D 64 15.58 4.46 6.69
C VAL D 64 16.79 3.64 7.16
N THR D 65 17.40 4.09 8.25
CA THR D 65 18.46 3.33 8.91
C THR D 65 18.27 3.39 10.42
N THR D 66 18.59 2.29 11.09
CA THR D 66 18.46 2.19 12.53
C THR D 66 19.66 2.82 13.21
N ILE D 67 19.43 3.52 14.31
CA ILE D 67 20.50 4.14 15.08
C ILE D 67 21.42 3.11 15.78
N SER D 68 20.82 2.06 16.34
CA SER D 68 21.59 1.05 17.06
CA SER D 68 21.58 1.05 17.06
C SER D 68 21.68 -0.26 16.27
N GLU D 69 22.37 -1.24 16.84
CA GLU D 69 22.52 -2.54 16.21
C GLU D 69 21.34 -3.43 16.54
N THR D 70 20.36 -3.43 15.64
CA THR D 70 19.09 -4.10 15.89
C THR D 70 19.13 -5.59 15.63
N THR D 71 20.30 -6.11 15.22
CA THR D 71 20.47 -7.55 15.07
C THR D 71 20.84 -8.20 16.40
N ARG D 72 21.02 -7.39 17.44
CA ARG D 72 21.36 -7.92 18.76
C ARG D 72 20.11 -8.20 19.58
N ARG D 73 20.07 -9.39 20.17
CA ARG D 73 18.93 -9.82 20.97
C ARG D 73 18.51 -8.80 22.04
N GLU D 74 19.48 -8.24 22.74
CA GLU D 74 19.15 -7.36 23.87
C GLU D 74 18.97 -5.89 23.49
N ASN D 75 19.05 -5.58 22.20
CA ASN D 75 18.80 -4.21 21.78
C ASN D 75 17.41 -3.77 22.19
N MET D 76 17.33 -2.60 22.81
CA MET D 76 16.05 -2.02 23.16
C MET D 76 15.90 -0.60 22.60
N ASP D 77 16.84 -0.22 21.73
CA ASP D 77 16.78 1.06 21.05
C ASP D 77 16.26 0.89 19.63
N PHE D 78 15.08 1.46 19.35
CA PHE D 78 14.45 1.31 18.04
C PHE D 78 14.32 2.68 17.36
N SER D 79 15.27 3.54 17.70
CA SER D 79 15.41 4.84 17.04
C SER D 79 15.79 4.64 15.59
N ILE D 80 15.24 5.48 14.71
CA ILE D 80 15.52 5.37 13.29
C ILE D 80 15.93 6.72 12.71
N SER D 81 16.64 6.64 11.58
CA SER D 81 17.02 7.80 10.80
C SER D 81 16.33 7.74 9.45
N ILE D 82 15.73 8.84 9.02
CA ILE D 82 15.14 8.91 7.67
C ILE D 82 15.89 9.97 6.87
N SER D 83 16.59 9.56 5.80
CA SER D 83 17.41 10.47 5.01
C SER D 83 16.59 11.22 3.96
N ASN D 84 17.15 12.31 3.45
CA ASN D 84 16.57 13.08 2.36
C ASN D 84 15.09 13.43 2.61
N ILE D 85 14.84 14.08 3.74
CA ILE D 85 13.47 14.43 4.14
C ILE D 85 12.81 15.35 3.13
N THR D 86 11.56 15.05 2.77
CA THR D 86 10.76 15.89 1.87
C THR D 86 9.53 16.40 2.64
N PRO D 87 8.86 17.45 2.12
CA PRO D 87 7.63 17.93 2.79
C PRO D 87 6.62 16.82 3.06
N ALA D 88 6.56 15.83 2.18
CA ALA D 88 5.62 14.72 2.34
C ALA D 88 5.92 13.81 3.53
N ASP D 89 7.11 13.94 4.12
CA ASP D 89 7.44 13.14 5.30
C ASP D 89 6.82 13.71 6.56
N ALA D 90 6.33 14.94 6.48
CA ALA D 90 5.75 15.59 7.65
C ALA D 90 4.61 14.74 8.19
N GLY D 91 4.55 14.61 9.51
CA GLY D 91 3.50 13.82 10.13
C GLY D 91 3.89 13.42 11.54
N THR D 92 3.02 12.68 12.20
CA THR D 92 3.33 12.17 13.53
C THR D 92 3.81 10.72 13.40
N TYR D 93 4.99 10.44 13.94
CA TYR D 93 5.59 9.12 13.84
C TYR D 93 5.43 8.36 15.15
N TYR D 94 4.88 7.15 15.04
CA TYR D 94 4.60 6.32 16.20
C TYR D 94 5.45 5.07 16.17
N CYS D 95 6.08 4.81 17.30
CA CYS D 95 6.83 3.59 17.55
C CYS D 95 5.87 2.64 18.26
N ILE D 96 5.58 1.49 17.66
CA ILE D 96 4.50 0.64 18.16
C ILE D 96 4.90 -0.82 18.35
N LYS D 97 4.57 -1.36 19.52
CA LYS D 97 4.82 -2.76 19.82
C LYS D 97 3.62 -3.64 19.44
N PHE D 98 3.91 -4.76 18.78
CA PHE D 98 2.86 -5.70 18.36
C PHE D 98 3.03 -7.07 19.03
N ARG D 99 1.93 -7.80 19.19
CA ARG D 99 1.96 -9.19 19.62
C ARG D 99 1.71 -10.08 18.41
N LYS D 100 2.35 -11.25 18.35
CA LYS D 100 2.25 -12.13 17.19
C LYS D 100 0.89 -12.80 17.11
N GLY D 101 0.47 -13.12 15.91
CA GLY D 101 -0.82 -13.74 15.70
C GLY D 101 -1.14 -13.65 14.23
N SER D 102 -2.27 -14.20 13.82
CA SER D 102 -2.75 -14.07 12.46
C SER D 102 -4.07 -13.31 12.48
N PRO D 103 -4.02 -11.98 12.35
CA PRO D 103 -2.81 -11.19 12.15
C PRO D 103 -2.16 -10.76 13.46
N ASP D 104 -0.96 -10.20 13.39
CA ASP D 104 -0.33 -9.56 14.54
C ASP D 104 -1.29 -8.49 15.04
N THR D 105 -1.32 -8.28 16.35
CA THR D 105 -2.18 -7.27 16.94
C THR D 105 -1.34 -6.19 17.60
N GLU D 106 -1.77 -4.93 17.47
CA GLU D 106 -1.10 -3.83 18.15
C GLU D 106 -1.22 -3.98 19.66
N PHE D 107 -0.11 -3.88 20.37
CA PHE D 107 -0.08 -4.09 21.83
C PHE D 107 -0.01 -2.78 22.60
N LYS D 108 0.94 -1.93 22.24
CA LYS D 108 1.05 -0.61 22.85
C LYS D 108 1.80 0.30 21.90
N SER D 109 1.37 1.56 21.81
CA SER D 109 2.01 2.55 20.97
C SER D 109 2.72 3.60 21.83
N GLY D 110 3.85 4.10 21.35
CA GLY D 110 4.51 5.24 21.96
C GLY D 110 3.65 6.48 21.77
N ALA D 111 4.03 7.57 22.43
CA ALA D 111 3.22 8.79 22.42
C ALA D 111 3.28 9.54 21.09
N GLY D 112 4.25 9.20 20.25
CA GLY D 112 4.36 9.81 18.94
C GLY D 112 5.25 11.03 18.86
N THR D 113 6.02 11.11 17.79
CA THR D 113 6.86 12.28 17.55
C THR D 113 6.36 13.00 16.31
N GLU D 114 5.98 14.28 16.47
CA GLU D 114 5.56 15.09 15.33
C GLU D 114 6.76 15.66 14.55
N LEU D 115 6.92 15.19 13.32
CA LEU D 115 7.97 15.71 12.45
C LEU D 115 7.42 16.85 11.60
N SER D 116 8.06 18.02 11.69
CA SER D 116 7.72 19.13 10.83
CA SER D 116 7.72 19.14 10.83
C SER D 116 8.89 19.42 9.90
N VAL D 117 8.57 19.74 8.65
CA VAL D 117 9.63 20.03 7.69
C VAL D 117 9.66 21.53 7.39
N ARG D 118 10.86 22.11 7.37
CA ARG D 118 10.98 23.50 6.97
C ARG D 118 11.79 23.63 5.68
N ALA D 119 11.63 24.76 5.00
CA ALA D 119 12.31 25.00 3.73
C ALA D 119 13.82 24.81 3.88
N LYS D 120 14.45 24.23 2.88
CA LYS D 120 15.90 24.12 2.88
C LYS D 120 16.50 25.52 2.78
N PRO D 121 17.38 25.88 3.72
CA PRO D 121 18.05 27.19 3.65
C PRO D 121 19.04 27.27 2.50
S SO4 E . -0.31 12.03 -19.76
O1 SO4 E . -0.42 10.63 -20.18
O2 SO4 E . -0.28 12.09 -18.30
O3 SO4 E . -1.44 12.80 -20.27
O4 SO4 E . 0.93 12.59 -20.29
C1 NAG F . -4.53 -7.18 3.36
C2 NAG F . -3.77 -8.04 4.37
C3 NAG F . -4.56 -9.31 4.71
C4 NAG F . -6.00 -8.98 5.09
C5 NAG F . -6.64 -8.14 4.01
C6 NAG F . -8.06 -7.73 4.32
C7 NAG F . -1.32 -8.05 4.48
C8 NAG F . -0.05 -8.50 3.81
N2 NAG F . -2.46 -8.38 3.87
O3 NAG F . -3.91 -9.99 5.78
O4 NAG F . -6.73 -10.20 5.23
O5 NAG F . -5.88 -6.94 3.83
O6 NAG F . -8.14 -6.70 5.29
O7 NAG F . -1.30 -7.44 5.54
C1 NAG G . -6.05 -12.49 -3.89
C2 NAG G . -5.83 -12.61 -2.37
C3 NAG G . -4.94 -13.80 -2.03
C4 NAG G . -5.39 -15.07 -2.73
C5 NAG G . -5.54 -14.82 -4.22
C6 NAG G . -6.01 -16.02 -5.00
C7 NAG G . -5.72 -10.75 -0.76
C8 NAG G . -6.93 -11.35 -0.12
N2 NAG G . -5.24 -11.39 -1.84
O3 NAG G . -4.95 -13.98 -0.63
O4 NAG G . -4.38 -16.07 -2.55
O5 NAG G . -6.49 -13.77 -4.41
O6 NAG G . -7.42 -16.19 -4.97
O7 NAG G . -5.19 -9.74 -0.31
C1 NAG H . -3.29 8.33 -29.77
C2 NAG H . -3.88 8.27 -31.17
C3 NAG H . -3.23 9.34 -32.04
C4 NAG H . -3.38 10.71 -31.40
C5 NAG H . -2.88 10.69 -29.95
C6 NAG H . -3.23 11.97 -29.22
C7 NAG H . -4.74 6.26 -32.28
C8 NAG H . -4.41 4.91 -32.84
N2 NAG H . -3.72 6.95 -31.76
O3 NAG H . -3.84 9.35 -33.33
O4 NAG H . -2.64 11.67 -32.13
O5 NAG H . -3.50 9.62 -29.22
O6 NAG H . -2.37 12.19 -28.10
O7 NAG H . -5.89 6.70 -32.29
C1 NAG I . 10.55 -22.45 28.72
C2 NAG I . 10.83 -23.69 29.58
C3 NAG I . 9.55 -24.18 30.23
C4 NAG I . 8.88 -23.06 31.01
C5 NAG I . 8.66 -21.85 30.10
C6 NAG I . 8.10 -20.67 30.84
C7 NAG I . 12.62 -25.28 29.04
C8 NAG I . 13.08 -26.36 28.10
N2 NAG I . 11.42 -24.75 28.77
O3 NAG I . 9.84 -25.27 31.10
O4 NAG I . 7.63 -23.49 31.51
O5 NAG I . 9.91 -21.43 29.53
O6 NAG I . 8.20 -19.47 30.08
O7 NAG I . 13.30 -24.92 29.99
C1 NAG J . 21.41 -23.47 5.52
C2 NAG J . 21.59 -24.98 5.52
C3 NAG J . 21.32 -25.52 6.90
C4 NAG J . 22.42 -25.01 7.81
C5 NAG J . 22.42 -23.48 7.90
C6 NAG J . 23.75 -23.02 8.48
C7 NAG J . 19.93 -25.26 3.66
C8 NAG J . 19.32 -26.27 2.75
N2 NAG J . 20.85 -25.74 4.52
O3 NAG J . 21.27 -26.95 6.85
O4 NAG J . 22.24 -25.59 9.11
O5 NAG J . 22.32 -22.85 6.59
O6 NAG J . 23.81 -21.76 9.15
O7 NAG J . 19.58 -24.10 3.65
C1 NAG K . 12.30 -34.60 -3.63
C2 NAG K . 12.89 -33.51 -2.70
C3 NAG K . 14.38 -33.31 -3.00
C4 NAG K . 15.12 -34.65 -2.99
C5 NAG K . 14.43 -35.63 -3.91
C6 NAG K . 15.02 -37.02 -3.86
C7 NAG K . 11.66 -31.56 -1.79
C8 NAG K . 10.99 -30.27 -2.13
N2 NAG K . 12.19 -32.24 -2.83
O3 NAG K . 14.97 -32.46 -2.02
O4 NAG K . 16.47 -34.47 -3.41
O5 NAG K . 13.05 -35.77 -3.52
O6 NAG K . 14.46 -37.74 -2.77
O7 NAG K . 11.72 -31.98 -0.64
C1 NAG L . 5.44 -27.83 23.97
C2 NAG L . 6.07 -27.89 25.37
C3 NAG L . 6.53 -29.32 25.68
C4 NAG L . 5.46 -30.36 25.37
C5 NAG L . 4.87 -30.12 23.99
C6 NAG L . 3.68 -31.01 23.70
C7 NAG L . 7.17 -25.85 26.22
C8 NAG L . 5.88 -25.56 26.95
N2 NAG L . 7.19 -26.98 25.48
O3 NAG L . 6.88 -29.37 27.06
O4 NAG L . 6.04 -31.65 25.40
O5 NAG L . 4.41 -28.78 23.87
O6 NAG L . 2.43 -30.35 23.90
O7 NAG L . 8.14 -25.11 26.29
C1 NAG M . 8.30 -15.50 -7.13
C2 NAG M . 7.45 -15.62 -8.40
C3 NAG M . 8.29 -15.30 -9.64
C4 NAG M . 9.00 -13.96 -9.47
C5 NAG M . 9.78 -13.95 -8.17
C6 NAG M . 10.42 -12.61 -7.89
C7 NAG M . 5.55 -17.17 -8.68
C8 NAG M . 5.14 -18.60 -8.77
N2 NAG M . 6.87 -16.95 -8.52
O3 NAG M . 7.47 -15.25 -10.80
O4 NAG M . 9.86 -13.70 -10.57
O5 NAG M . 8.91 -14.21 -7.08
O6 NAG M . 11.38 -12.71 -6.85
O7 NAG M . 4.74 -16.24 -8.76
S SO4 N . 15.08 -12.94 0.57
O1 SO4 N . 13.83 -12.27 0.91
O2 SO4 N . 14.88 -14.38 0.56
O3 SO4 N . 16.09 -12.57 1.55
O4 SO4 N . 15.50 -12.51 -0.77
S SO4 O . 3.44 -8.82 6.41
O1 SO4 O . 2.91 -8.33 5.15
O2 SO4 O . 2.96 -10.19 6.64
O3 SO4 O . 2.99 -7.94 7.49
O4 SO4 O . 4.90 -8.83 6.35
#